data_4E2B
#
_entry.id   4E2B
#
_cell.length_a   57.347
_cell.length_b   68.656
_cell.length_c   85.190
_cell.angle_alpha   90.00
_cell.angle_beta   90.00
_cell.angle_gamma   90.00
#
_symmetry.space_group_name_H-M   'P 21 21 21'
#
loop_
_entity.id
_entity.type
_entity.pdbx_description
1 polymer 'Old Yellow Enzyme'
2 non-polymer 'FLAVIN MONONUCLEOTIDE'
3 non-polymer GLYCEROL
4 non-polymer DI(HYDROXYETHYL)ETHER
5 water water
#
_entity_poly.entity_id   1
_entity_poly.type   'polypeptide(L)'
_entity_poly.pdbx_seq_one_letter_code
;GSHMATFPELLRPLKLGRYTLRNRIIMAPLTRCQATEDGHVPRTESMLKYYEDRASAGLIIAEATMVQPNYTGFLTEPGI
YSDAQIEEWRKIVDAVHKKGGLIFLQLIHAGRAGIPEKILQQPKSDQDPLAGRLLAASAIPIKDHRIPAYFAASGEKETY
GVPEELTDDEVRNGIIPLFVEGAKNAIFKAGFDGVEIHGANGYLLDAFFRESSNKRQSGPYAGTTIDTRCQLIYDVTKSV
CDAVGSDRVGLRISPLNGVHGMIDSNPEALTKHLCKKIEPLSLAYLHYLRGDMVNQQIGDVVAWVRGSYSGVKISNLRYD
FEEADQQIREGKVDAVAFGAKFIANPDLVERAQHDWPLNEPRPETYYTRTAVGYNDYPTYNK
;
_entity_poly.pdbx_strand_id   A
#
loop_
_chem_comp.id
_chem_comp.type
_chem_comp.name
_chem_comp.formula
FMN non-polymer 'FLAVIN MONONUCLEOTIDE' 'C17 H21 N4 O9 P'
GOL non-polymer GLYCEROL 'C3 H8 O3'
PEG non-polymer DI(HYDROXYETHYL)ETHER 'C4 H10 O3'
#
# COMPACT_ATOMS: atom_id res chain seq x y z
N MET A 4 33.36 11.98 -5.54
CA MET A 4 32.02 12.62 -5.41
C MET A 4 30.89 11.60 -5.54
N ALA A 5 29.89 11.72 -4.67
CA ALA A 5 28.73 10.83 -4.66
C ALA A 5 27.93 10.95 -5.96
N THR A 6 27.40 9.82 -6.42
CA THR A 6 26.66 9.78 -7.68
C THR A 6 25.23 10.32 -7.55
N PHE A 7 24.55 9.94 -6.46
CA PHE A 7 23.17 10.39 -6.20
C PHE A 7 23.07 11.00 -4.80
N PRO A 8 23.72 12.17 -4.60
CA PRO A 8 23.88 12.69 -3.24
C PRO A 8 22.58 13.10 -2.56
N GLU A 9 21.61 13.61 -3.31
CA GLU A 9 20.35 14.05 -2.71
C GLU A 9 19.49 12.86 -2.31
N LEU A 10 19.49 11.83 -3.16
CA LEU A 10 18.77 10.60 -2.88
C LEU A 10 19.30 9.88 -1.63
N LEU A 11 20.58 10.05 -1.33
CA LEU A 11 21.21 9.37 -0.21
C LEU A 11 21.23 10.18 1.09
N ARG A 12 20.61 11.35 1.09
CA ARG A 12 20.54 12.21 2.26
C ARG A 12 19.52 11.69 3.28
N PRO A 13 19.82 11.82 4.58
CA PRO A 13 18.80 11.51 5.58
C PRO A 13 17.56 12.40 5.46
N LEU A 14 16.44 11.94 6.03
CA LEU A 14 15.16 12.67 5.96
C LEU A 14 14.38 12.51 7.25
N LYS A 15 13.94 13.62 7.84
CA LYS A 15 12.99 13.59 8.96
C LYS A 15 11.61 13.17 8.44
N LEU A 16 11.06 12.10 9.01
CA LEU A 16 9.76 11.56 8.60
C LEU A 16 9.03 11.14 9.86
N GLY A 17 7.92 11.81 10.16
CA GLY A 17 7.21 11.57 11.41
C GLY A 17 8.16 11.72 12.60
N ARG A 18 8.17 10.73 13.48
CA ARG A 18 9.05 10.78 14.65
C ARG A 18 10.45 10.18 14.40
N TYR A 19 10.76 9.92 13.13
CA TYR A 19 11.99 9.21 12.75
C TYR A 19 12.91 10.06 11.88
N THR A 20 14.16 9.63 11.76
CA THR A 20 15.06 10.13 10.72
C THR A 20 15.51 8.95 9.86
N LEU A 21 15.11 8.98 8.60
CA LEU A 21 15.54 7.95 7.65
C LEU A 21 17.00 8.17 7.31
N ARG A 22 17.72 7.08 7.09
CA ARG A 22 19.14 7.17 6.72
C ARG A 22 19.34 7.66 5.28
N ASN A 23 18.33 7.47 4.45
CA ASN A 23 18.39 7.85 3.04
C ASN A 23 16.95 7.94 2.52
N ARG A 24 16.81 8.35 1.26
CA ARG A 24 15.50 8.60 0.68
C ARG A 24 15.11 7.55 -0.37
N ILE A 25 15.78 6.40 -0.30
CA ILE A 25 15.44 5.24 -1.11
C ILE A 25 14.46 4.36 -0.32
N ILE A 26 13.20 4.41 -0.73
CA ILE A 26 12.10 3.77 -0.02
CA ILE A 26 12.16 3.73 0.01
C ILE A 26 11.72 2.48 -0.72
N MET A 27 11.51 1.40 0.03
CA MET A 27 10.98 0.17 -0.56
C MET A 27 9.45 0.25 -0.60
N ALA A 28 8.90 0.28 -1.80
CA ALA A 28 7.46 0.31 -2.00
C ALA A 28 6.81 -0.97 -1.48
N PRO A 29 5.54 -0.90 -1.08
CA PRO A 29 4.82 -2.10 -0.67
C PRO A 29 4.66 -3.06 -1.85
N LEU A 30 5.01 -4.33 -1.63
CA LEU A 30 4.99 -5.34 -2.70
C LEU A 30 4.39 -6.65 -2.20
N THR A 31 3.16 -6.94 -2.63
CA THR A 31 2.49 -8.22 -2.36
C THR A 31 3.30 -9.35 -2.99
N ARG A 32 3.76 -10.28 -2.14
CA ARG A 32 4.53 -11.44 -2.61
C ARG A 32 3.87 -12.79 -2.26
N CYS A 33 2.78 -12.77 -1.51
CA CYS A 33 1.97 -13.96 -1.24
C CYS A 33 2.68 -15.05 -0.40
N GLN A 34 3.61 -14.62 0.44
CA GLN A 34 4.40 -15.53 1.29
C GLN A 34 3.83 -15.62 2.71
N ALA A 35 2.52 -15.79 2.80
CA ALA A 35 1.85 -16.08 4.05
C ALA A 35 0.97 -17.32 3.86
N THR A 36 0.34 -17.80 4.93
CA THR A 36 -0.44 -19.03 4.83
C THR A 36 -1.86 -18.76 4.30
N GLU A 37 -2.41 -19.72 3.58
CA GLU A 37 -3.75 -19.59 3.01
C GLU A 37 -4.86 -19.60 4.06
N ASP A 38 -4.72 -20.43 5.09
CA ASP A 38 -5.79 -20.61 6.07
C ASP A 38 -5.82 -19.46 7.07
N GLY A 39 -4.68 -19.17 7.67
CA GLY A 39 -4.61 -18.18 8.75
C GLY A 39 -3.98 -16.86 8.41
N HIS A 40 -3.50 -16.71 7.17
CA HIS A 40 -2.83 -15.48 6.73
C HIS A 40 -1.68 -15.09 7.62
N VAL A 41 -0.95 -16.11 8.08
CA VAL A 41 0.18 -15.91 8.96
C VAL A 41 1.44 -15.76 8.11
N PRO A 42 2.24 -14.70 8.34
CA PRO A 42 3.52 -14.57 7.60
C PRO A 42 4.35 -15.86 7.66
N ARG A 43 4.93 -16.26 6.53
CA ARG A 43 5.87 -17.38 6.52
C ARG A 43 7.18 -16.85 7.07
N THR A 44 7.28 -16.93 8.40
CA THR A 44 8.22 -16.14 9.17
C THR A 44 9.63 -16.06 8.60
N GLU A 45 10.29 -17.20 8.47
CA GLU A 45 11.71 -17.18 8.11
C GLU A 45 11.95 -16.69 6.67
N SER A 46 10.99 -16.97 5.78
CA SER A 46 11.09 -16.52 4.40
C SER A 46 10.96 -15.00 4.31
N MET A 47 9.93 -14.47 4.95
CA MET A 47 9.70 -13.02 4.95
C MET A 47 10.76 -12.28 5.75
N LEU A 48 11.25 -12.92 6.82
CA LEU A 48 12.29 -12.33 7.65
C LEU A 48 13.57 -12.12 6.82
N LYS A 49 14.00 -13.15 6.10
CA LYS A 49 15.17 -13.04 5.23
C LYS A 49 14.99 -11.95 4.18
N TYR A 50 13.84 -11.96 3.53
CA TYR A 50 13.55 -11.03 2.44
C TYR A 50 13.61 -9.57 2.88
N TYR A 51 12.94 -9.27 3.98
CA TYR A 51 12.93 -7.90 4.48
C TYR A 51 14.26 -7.51 5.11
N GLU A 52 14.90 -8.40 5.87
CA GLU A 52 16.18 -8.05 6.47
C GLU A 52 17.25 -7.80 5.40
N ASP A 53 17.16 -8.54 4.29
CA ASP A 53 18.09 -8.37 3.17
C ASP A 53 17.95 -7.01 2.48
N ARG A 54 16.81 -6.35 2.70
CA ARG A 54 16.49 -5.05 2.08
C ARG A 54 16.48 -3.91 3.09
N ALA A 55 16.94 -4.20 4.31
CA ALA A 55 16.82 -3.26 5.42
C ALA A 55 17.79 -2.08 5.41
N SER A 56 18.63 -1.98 4.38
CA SER A 56 19.41 -0.74 4.16
C SER A 56 18.55 0.37 3.55
N ALA A 57 17.35 0.04 3.07
CA ALA A 57 16.38 1.04 2.63
C ALA A 57 16.17 2.08 3.72
N GLY A 58 15.99 3.34 3.32
CA GLY A 58 15.65 4.38 4.29
C GLY A 58 14.40 4.03 5.07
N LEU A 59 13.42 3.47 4.36
CA LEU A 59 12.19 2.98 4.96
C LEU A 59 11.70 1.84 4.09
N ILE A 60 11.26 0.76 4.74
CA ILE A 60 10.54 -0.31 4.07
C ILE A 60 9.05 -0.12 4.35
N ILE A 61 8.25 -0.13 3.29
CA ILE A 61 6.82 -0.23 3.47
CA ILE A 61 6.80 -0.23 3.44
C ILE A 61 6.46 -1.69 3.19
N ALA A 62 6.08 -2.41 4.24
CA ALA A 62 5.74 -3.82 4.09
C ALA A 62 4.46 -3.98 3.28
N GLU A 63 4.36 -5.09 2.59
CA GLU A 63 3.25 -5.43 1.69
C GLU A 63 1.87 -5.28 2.30
N ALA A 64 0.89 -5.05 1.43
CA ALA A 64 -0.51 -4.96 1.81
C ALA A 64 -0.90 -6.09 2.76
N THR A 65 -1.44 -5.70 3.91
CA THR A 65 -1.77 -6.66 4.96
C THR A 65 -3.21 -6.46 5.42
N MET A 66 -3.94 -7.57 5.49
CA MET A 66 -5.39 -7.59 5.72
CA MET A 66 -5.38 -7.50 5.74
C MET A 66 -5.77 -7.07 7.11
N VAL A 67 -6.80 -6.23 7.17
CA VAL A 67 -7.37 -5.81 8.43
C VAL A 67 -8.70 -6.53 8.77
N GLN A 68 -9.39 -7.06 7.76
CA GLN A 68 -10.64 -7.80 8.02
C GLN A 68 -10.36 -9.30 7.95
N PRO A 69 -10.71 -10.04 9.02
CA PRO A 69 -10.50 -11.49 9.00
C PRO A 69 -11.03 -12.14 7.72
N ASN A 70 -10.15 -12.91 7.06
CA ASN A 70 -10.48 -13.72 5.90
C ASN A 70 -10.88 -12.97 4.63
N TYR A 71 -10.81 -11.64 4.65
CA TYR A 71 -11.15 -10.87 3.46
C TYR A 71 -9.94 -10.82 2.53
N THR A 72 -9.74 -11.90 1.78
CA THR A 72 -8.53 -12.09 0.99
C THR A 72 -8.71 -11.60 -0.45
N GLY A 73 -7.72 -10.85 -0.93
CA GLY A 73 -7.63 -10.46 -2.33
C GLY A 73 -6.51 -11.19 -3.06
N PHE A 74 -5.56 -11.75 -2.30
CA PHE A 74 -4.34 -12.30 -2.91
C PHE A 74 -4.08 -13.77 -2.51
N LEU A 75 -5.10 -14.37 -1.91
CA LEU A 75 -5.12 -15.77 -1.47
C LEU A 75 -4.24 -16.07 -0.25
N THR A 76 -2.98 -15.65 -0.32
CA THR A 76 -2.01 -15.97 0.73
C THR A 76 -1.23 -14.75 1.18
N GLU A 77 -1.90 -13.61 1.23
CA GLU A 77 -1.30 -12.41 1.82
C GLU A 77 -1.40 -12.49 3.35
N PRO A 78 -0.54 -11.75 4.06
CA PRO A 78 -0.64 -11.72 5.51
C PRO A 78 -1.79 -10.85 6.04
N GLY A 79 -2.15 -11.11 7.29
CA GLY A 79 -3.07 -10.27 8.04
C GLY A 79 -2.39 -9.68 9.27
N ILE A 80 -3.09 -8.77 9.93
CA ILE A 80 -2.63 -8.15 11.18
C ILE A 80 -3.76 -8.11 12.21
N TYR A 81 -4.73 -9.00 12.06
CA TYR A 81 -5.88 -9.04 12.97
C TYR A 81 -5.78 -10.12 14.06
N SER A 82 -4.90 -11.10 13.91
CA SER A 82 -4.83 -12.22 14.87
C SER A 82 -3.53 -12.23 15.69
N ASP A 83 -3.58 -12.84 16.87
CA ASP A 83 -2.40 -12.99 17.72
C ASP A 83 -1.30 -13.78 17.01
N ALA A 84 -1.68 -14.82 16.25
CA ALA A 84 -0.71 -15.63 15.52
C ALA A 84 0.06 -14.79 14.50
N GLN A 85 -0.66 -13.92 13.80
CA GLN A 85 -0.04 -13.02 12.83
C GLN A 85 0.90 -12.04 13.51
N ILE A 86 0.43 -11.45 14.60
CA ILE A 86 1.21 -10.46 15.34
C ILE A 86 2.56 -11.03 15.77
N GLU A 87 2.55 -12.26 16.30
CA GLU A 87 3.79 -12.86 16.80
C GLU A 87 4.82 -13.09 15.71
N GLU A 88 4.40 -13.52 14.53
CA GLU A 88 5.35 -13.73 13.44
C GLU A 88 5.85 -12.41 12.86
N TRP A 89 4.95 -11.46 12.68
CA TRP A 89 5.35 -10.11 12.28
C TRP A 89 6.37 -9.51 13.22
N ARG A 90 6.18 -9.71 14.53
CA ARG A 90 7.11 -9.17 15.52
C ARG A 90 8.55 -9.60 15.25
N LYS A 91 8.72 -10.86 14.86
CA LYS A 91 10.06 -11.41 14.57
C LYS A 91 10.66 -10.81 13.29
N ILE A 92 9.81 -10.63 12.27
CA ILE A 92 10.23 -10.01 11.02
C ILE A 92 10.68 -8.56 11.25
N VAL A 93 9.87 -7.81 11.99
CA VAL A 93 10.18 -6.42 12.31
C VAL A 93 11.48 -6.32 13.14
N ASP A 94 11.64 -7.24 14.10
CA ASP A 94 12.85 -7.30 14.89
C ASP A 94 14.09 -7.44 14.01
N ALA A 95 14.02 -8.30 12.99
CA ALA A 95 15.16 -8.51 12.09
C ALA A 95 15.50 -7.24 11.32
N VAL A 96 14.49 -6.52 10.85
CA VAL A 96 14.72 -5.24 10.18
C VAL A 96 15.39 -4.25 11.11
N HIS A 97 14.89 -4.16 12.34
CA HIS A 97 15.48 -3.25 13.33
C HIS A 97 16.90 -3.61 13.68
N LYS A 98 17.22 -4.90 13.72
CA LYS A 98 18.59 -5.33 14.00
C LYS A 98 19.57 -4.85 12.93
N LYS A 99 19.08 -4.66 11.71
CA LYS A 99 19.89 -4.13 10.61
C LYS A 99 19.94 -2.59 10.63
N GLY A 100 19.25 -1.97 11.58
CA GLY A 100 19.19 -0.52 11.68
C GLY A 100 18.13 0.12 10.79
N GLY A 101 17.21 -0.70 10.28
CA GLY A 101 16.18 -0.19 9.37
C GLY A 101 14.92 0.29 10.06
N LEU A 102 14.00 0.79 9.25
CA LEU A 102 12.69 1.26 9.69
C LEU A 102 11.65 0.64 8.79
N ILE A 103 10.48 0.33 9.36
CA ILE A 103 9.47 -0.41 8.61
C ILE A 103 8.05 0.00 9.03
N PHE A 104 7.24 0.35 8.04
CA PHE A 104 5.82 0.63 8.20
C PHE A 104 5.04 -0.52 7.56
N LEU A 105 3.85 -0.80 8.09
CA LEU A 105 2.99 -1.85 7.53
C LEU A 105 1.86 -1.24 6.72
N GLN A 106 1.70 -1.66 5.47
CA GLN A 106 0.56 -1.21 4.68
C GLN A 106 -0.70 -1.99 5.06
N LEU A 107 -1.77 -1.25 5.38
CA LEU A 107 -3.06 -1.82 5.77
C LEU A 107 -4.04 -1.74 4.62
N ILE A 108 -4.61 -2.88 4.25
CA ILE A 108 -5.51 -2.99 3.10
C ILE A 108 -6.87 -3.60 3.45
N HIS A 109 -7.89 -3.15 2.72
CA HIS A 109 -9.13 -3.90 2.55
C HIS A 109 -9.33 -4.02 1.06
N ALA A 110 -9.45 -5.25 0.56
CA ALA A 110 -9.49 -5.50 -0.87
C ALA A 110 -10.76 -5.02 -1.58
N GLY A 111 -11.83 -4.81 -0.81
CA GLY A 111 -13.09 -4.34 -1.39
C GLY A 111 -13.57 -5.24 -2.51
N ARG A 112 -13.89 -4.65 -3.66
CA ARG A 112 -14.44 -5.43 -4.76
C ARG A 112 -13.42 -6.36 -5.44
N ALA A 113 -12.15 -6.28 -5.03
CA ALA A 113 -11.12 -7.18 -5.51
C ALA A 113 -10.93 -8.42 -4.60
N GLY A 114 -11.83 -8.61 -3.65
CA GLY A 114 -11.83 -9.83 -2.86
C GLY A 114 -12.05 -11.06 -3.73
N ILE A 115 -11.50 -12.20 -3.31
CA ILE A 115 -11.63 -13.45 -4.06
CA ILE A 115 -11.63 -13.45 -4.06
C ILE A 115 -12.95 -14.13 -3.68
N PRO A 116 -13.93 -14.17 -4.62
CA PRO A 116 -15.24 -14.73 -4.26
C PRO A 116 -15.21 -16.18 -3.78
N GLU A 117 -14.38 -17.01 -4.40
CA GLU A 117 -14.33 -18.44 -4.05
C GLU A 117 -13.79 -18.71 -2.63
N LYS A 118 -13.12 -17.71 -2.06
CA LYS A 118 -12.65 -17.80 -0.68
C LYS A 118 -13.63 -17.13 0.29
N ILE A 119 -13.95 -15.88 0.01
CA ILE A 119 -14.75 -15.05 0.93
C ILE A 119 -16.18 -15.57 1.08
N LEU A 120 -16.78 -15.98 -0.02
CA LEU A 120 -18.19 -16.39 0.01
C LEU A 120 -18.42 -17.78 0.62
N GLN A 121 -17.33 -18.50 0.89
CA GLN A 121 -17.42 -19.81 1.52
C GLN A 121 -17.16 -19.72 3.03
N GLN A 122 -16.97 -18.50 3.52
CA GLN A 122 -16.86 -18.23 4.96
C GLN A 122 -18.25 -18.12 5.59
N PRO A 123 -18.43 -18.71 6.79
CA PRO A 123 -19.72 -18.66 7.48
C PRO A 123 -20.12 -17.26 7.94
N LYS A 124 -21.38 -16.91 7.70
CA LYS A 124 -21.94 -15.62 8.10
C LYS A 124 -22.54 -15.72 9.51
N SER A 125 -21.71 -15.58 10.53
CA SER A 125 -22.16 -15.84 11.91
C SER A 125 -21.40 -15.10 13.03
N ASP A 126 -22.07 -15.00 14.17
CA ASP A 126 -21.48 -14.63 15.47
C ASP A 126 -21.07 -13.15 15.64
N GLN A 127 -19.77 -12.92 15.85
CA GLN A 127 -19.24 -11.61 16.24
C GLN A 127 -18.77 -10.79 15.04
N ASP A 128 -19.21 -11.16 13.84
CA ASP A 128 -18.74 -10.52 12.61
C ASP A 128 -19.83 -10.40 11.53
N PRO A 129 -20.58 -9.27 11.53
CA PRO A 129 -21.62 -9.03 10.53
C PRO A 129 -21.08 -8.81 9.09
N LEU A 130 -19.78 -8.60 8.96
CA LEU A 130 -19.15 -8.40 7.64
C LEU A 130 -18.64 -9.69 7.00
N ALA A 131 -18.74 -10.81 7.71
CA ALA A 131 -18.20 -12.08 7.25
C ALA A 131 -19.00 -12.70 6.10
N GLY A 132 -18.29 -13.39 5.20
CA GLY A 132 -18.94 -14.13 4.12
C GLY A 132 -19.59 -13.29 3.04
N ARG A 133 -19.09 -12.07 2.87
CA ARG A 133 -19.68 -11.11 1.94
C ARG A 133 -18.62 -10.36 1.15
N LEU A 134 -18.90 -10.11 -0.13
CA LEU A 134 -18.10 -9.19 -0.93
C LEU A 134 -18.64 -7.78 -0.72
N LEU A 135 -17.75 -6.83 -0.46
CA LEU A 135 -18.12 -5.51 0.02
C LEU A 135 -17.42 -4.41 -0.74
N ALA A 136 -18.16 -3.35 -1.09
CA ALA A 136 -17.59 -2.21 -1.81
C ALA A 136 -18.42 -0.95 -1.65
N ALA A 137 -17.98 0.13 -2.29
CA ALA A 137 -18.72 1.39 -2.31
C ALA A 137 -20.05 1.25 -3.03
N SER A 138 -20.05 0.53 -4.14
CA SER A 138 -21.21 0.34 -5.01
C SER A 138 -21.19 -1.07 -5.58
N ALA A 139 -22.35 -1.53 -6.03
CA ALA A 139 -22.48 -2.86 -6.63
C ALA A 139 -22.05 -2.86 -8.09
N ILE A 140 -20.77 -2.58 -8.32
CA ILE A 140 -20.17 -2.55 -9.65
C ILE A 140 -18.94 -3.44 -9.64
N PRO A 141 -18.98 -4.54 -10.41
CA PRO A 141 -17.83 -5.45 -10.39
C PRO A 141 -16.67 -4.92 -11.24
N ILE A 142 -15.47 -5.39 -10.94
CA ILE A 142 -14.33 -5.22 -11.84
C ILE A 142 -14.64 -5.96 -13.13
N LYS A 143 -14.45 -5.28 -14.26
CA LYS A 143 -14.78 -5.83 -15.57
C LYS A 143 -13.53 -5.98 -16.43
N ASP A 144 -13.55 -6.99 -17.30
CA ASP A 144 -12.49 -7.22 -18.29
C ASP A 144 -11.08 -7.38 -17.70
N HIS A 145 -11.04 -7.98 -16.52
CA HIS A 145 -9.80 -8.32 -15.85
C HIS A 145 -10.14 -9.47 -14.95
N ARG A 146 -9.56 -10.64 -15.23
CA ARG A 146 -9.80 -11.82 -14.39
C ARG A 146 -8.89 -11.80 -13.18
N ILE A 147 -9.30 -12.53 -12.14
CA ILE A 147 -8.41 -12.82 -11.02
C ILE A 147 -7.26 -13.66 -11.58
N PRO A 148 -6.01 -13.19 -11.43
CA PRO A 148 -4.89 -13.97 -11.98
C PRO A 148 -4.75 -15.34 -11.31
N ALA A 149 -4.19 -16.30 -12.04
CA ALA A 149 -4.02 -17.67 -11.54
C ALA A 149 -3.29 -17.72 -10.20
N TYR A 150 -2.34 -16.81 -10.00
CA TYR A 150 -1.55 -16.78 -8.77
C TYR A 150 -2.27 -16.18 -7.56
N PHE A 151 -3.45 -15.59 -7.76
CA PHE A 151 -4.31 -15.15 -6.65
C PHE A 151 -5.55 -16.02 -6.50
N ALA A 152 -5.85 -16.80 -7.53
CA ALA A 152 -7.09 -17.58 -7.59
C ALA A 152 -7.08 -18.77 -6.64
N ALA A 153 -8.23 -19.05 -6.03
CA ALA A 153 -8.39 -20.20 -5.14
C ALA A 153 -8.02 -21.53 -5.80
N SER A 154 -8.36 -21.67 -7.08
CA SER A 154 -8.14 -22.91 -7.83
C SER A 154 -6.77 -22.99 -8.52
N GLY A 155 -6.03 -21.88 -8.54
CA GLY A 155 -4.74 -21.83 -9.23
C GLY A 155 -4.88 -21.59 -10.73
N GLU A 156 -6.09 -21.27 -11.16
CA GLU A 156 -6.38 -20.89 -12.55
C GLU A 156 -7.24 -19.64 -12.51
N LYS A 157 -7.27 -18.88 -13.62
CA LYS A 157 -8.00 -17.62 -13.66
C LYS A 157 -9.44 -17.77 -13.15
N GLU A 158 -9.85 -16.82 -12.31
CA GLU A 158 -11.20 -16.79 -11.76
C GLU A 158 -11.84 -15.43 -12.07
N THR A 159 -13.13 -15.29 -11.76
CA THR A 159 -13.88 -14.09 -12.09
CA THR A 159 -13.86 -14.07 -12.09
C THR A 159 -14.15 -13.25 -10.84
N TYR A 160 -13.95 -11.93 -10.96
CA TYR A 160 -14.32 -11.03 -9.87
C TYR A 160 -15.84 -10.99 -9.74
N GLY A 161 -16.31 -10.84 -8.50
CA GLY A 161 -17.73 -10.93 -8.19
C GLY A 161 -18.40 -9.57 -8.10
N VAL A 162 -19.73 -9.58 -8.05
CA VAL A 162 -20.49 -8.35 -7.83
C VAL A 162 -20.54 -8.10 -6.32
N PRO A 163 -19.95 -6.98 -5.88
CA PRO A 163 -19.94 -6.71 -4.45
C PRO A 163 -21.27 -6.14 -3.97
N GLU A 164 -21.49 -6.23 -2.66
CA GLU A 164 -22.61 -5.55 -2.02
C GLU A 164 -22.20 -4.13 -1.70
N GLU A 165 -23.16 -3.20 -1.80
CA GLU A 165 -22.93 -1.82 -1.40
C GLU A 165 -22.94 -1.74 0.13
N LEU A 166 -21.80 -1.36 0.71
CA LEU A 166 -21.70 -1.16 2.16
C LEU A 166 -22.68 -0.08 2.61
N THR A 167 -23.38 -0.31 3.71
CA THR A 167 -24.18 0.76 4.28
C THR A 167 -23.24 1.74 4.98
N ASP A 168 -23.70 2.97 5.19
CA ASP A 168 -22.94 3.95 5.99
C ASP A 168 -22.62 3.38 7.38
N ASP A 169 -23.60 2.69 7.98
CA ASP A 169 -23.43 1.97 9.24
C ASP A 169 -22.23 1.03 9.19
N GLU A 170 -22.19 0.17 8.17
CA GLU A 170 -21.09 -0.78 8.01
C GLU A 170 -19.74 -0.11 7.82
N VAL A 171 -19.70 1.00 7.09
CA VAL A 171 -18.46 1.75 6.90
C VAL A 171 -17.97 2.30 8.25
N ARG A 172 -18.86 2.99 8.96
CA ARG A 172 -18.54 3.72 10.19
C ARG A 172 -18.21 2.77 11.34
N ASN A 173 -19.02 1.72 11.46
CA ASN A 173 -18.98 0.85 12.62
C ASN A 173 -18.29 -0.48 12.39
N GLY A 174 -18.04 -0.79 11.12
CA GLY A 174 -17.41 -2.06 10.75
C GLY A 174 -16.02 -1.85 10.19
N ILE A 175 -15.94 -1.10 9.09
CA ILE A 175 -14.70 -0.97 8.33
C ILE A 175 -13.66 -0.13 9.09
N ILE A 176 -14.04 1.07 9.49
CA ILE A 176 -13.08 1.98 10.12
C ILE A 176 -12.43 1.37 11.38
N PRO A 177 -13.24 0.76 12.28
CA PRO A 177 -12.61 0.16 13.47
C PRO A 177 -11.61 -0.96 13.17
N LEU A 178 -11.80 -1.68 12.06
CA LEU A 178 -10.83 -2.71 11.67
C LEU A 178 -9.46 -2.13 11.33
N PHE A 179 -9.45 -1.00 10.64
CA PHE A 179 -8.20 -0.30 10.36
C PHE A 179 -7.53 0.18 11.64
N VAL A 180 -8.33 0.70 12.57
CA VAL A 180 -7.80 1.18 13.84
C VAL A 180 -7.16 0.04 14.63
N GLU A 181 -7.87 -1.09 14.74
CA GLU A 181 -7.36 -2.23 15.48
C GLU A 181 -6.10 -2.79 14.83
N GLY A 182 -6.12 -2.85 13.50
CA GLY A 182 -4.96 -3.33 12.75
C GLY A 182 -3.73 -2.47 13.01
N ALA A 183 -3.92 -1.15 13.04
CA ALA A 183 -2.83 -0.22 13.29
C ALA A 183 -2.25 -0.39 14.69
N LYS A 184 -3.13 -0.50 15.68
CA LYS A 184 -2.71 -0.75 17.06
C LYS A 184 -1.95 -2.07 17.19
N ASN A 185 -2.46 -3.11 16.53
CA ASN A 185 -1.77 -4.39 16.53
C ASN A 185 -0.37 -4.28 15.92
N ALA A 186 -0.29 -3.64 14.76
CA ALA A 186 0.98 -3.52 14.04
C ALA A 186 2.04 -2.80 14.87
N ILE A 187 1.66 -1.66 15.43
CA ILE A 187 2.62 -0.80 16.09
C ILE A 187 2.82 -1.19 17.56
N PHE A 188 1.74 -1.28 18.32
CA PHE A 188 1.85 -1.52 19.76
C PHE A 188 2.34 -2.93 20.08
N LYS A 189 1.94 -3.91 19.26
CA LYS A 189 2.19 -5.31 19.56
C LYS A 189 3.28 -5.96 18.69
N ALA A 190 3.31 -5.64 17.40
CA ALA A 190 4.36 -6.18 16.53
C ALA A 190 5.60 -5.29 16.42
N GLY A 191 5.49 -4.03 16.84
CA GLY A 191 6.65 -3.14 16.86
C GLY A 191 6.97 -2.42 15.56
N PHE A 192 6.04 -2.45 14.59
CA PHE A 192 6.21 -1.63 13.39
C PHE A 192 6.41 -0.18 13.79
N ASP A 193 7.21 0.54 13.01
CA ASP A 193 7.43 1.96 13.24
C ASP A 193 6.23 2.81 12.84
N GLY A 194 5.37 2.27 11.99
CA GLY A 194 4.18 2.97 11.56
C GLY A 194 3.35 2.12 10.65
N VAL A 195 2.27 2.73 10.14
CA VAL A 195 1.40 2.06 9.19
C VAL A 195 1.15 2.99 8.00
N GLU A 196 0.91 2.40 6.84
CA GLU A 196 0.50 3.13 5.64
C GLU A 196 -0.93 2.70 5.29
N ILE A 197 -1.83 3.68 5.18
CA ILE A 197 -3.20 3.41 4.78
C ILE A 197 -3.24 3.18 3.26
N HIS A 198 -3.77 2.03 2.82
CA HIS A 198 -3.83 1.73 1.40
C HIS A 198 -5.03 2.38 0.75
N GLY A 199 -4.85 3.59 0.25
CA GLY A 199 -5.89 4.32 -0.45
C GLY A 199 -5.71 4.33 -1.96
N ALA A 200 -5.06 3.29 -2.50
CA ALA A 200 -4.66 3.25 -3.89
C ALA A 200 -5.12 1.99 -4.61
N ASN A 201 -4.89 1.98 -5.92
CA ASN A 201 -4.89 0.77 -6.76
C ASN A 201 -6.20 -0.02 -6.82
N GLY A 202 -7.32 0.65 -6.59
CA GLY A 202 -8.62 0.03 -6.80
C GLY A 202 -9.15 -0.76 -5.61
N TYR A 203 -8.45 -0.70 -4.49
CA TYR A 203 -8.93 -1.41 -3.31
C TYR A 203 -9.97 -0.55 -2.58
N LEU A 204 -10.41 -0.96 -1.40
CA LEU A 204 -11.65 -0.39 -0.86
C LEU A 204 -11.66 1.15 -0.78
N LEU A 205 -10.60 1.72 -0.21
CA LEU A 205 -10.57 3.17 0.00
C LEU A 205 -10.50 3.95 -1.31
N ASP A 206 -9.69 3.48 -2.24
CA ASP A 206 -9.61 4.08 -3.57
C ASP A 206 -10.94 3.95 -4.32
N ALA A 207 -11.65 2.84 -4.08
CA ALA A 207 -12.95 2.62 -4.70
C ALA A 207 -14.01 3.63 -4.25
N PHE A 208 -13.89 4.15 -3.02
CA PHE A 208 -14.73 5.25 -2.57
C PHE A 208 -14.25 6.60 -3.15
N PHE A 209 -12.95 6.69 -3.41
CA PHE A 209 -12.27 7.93 -3.79
C PHE A 209 -12.56 8.34 -5.24
N ARG A 210 -12.61 7.37 -6.15
CA ARG A 210 -12.71 7.70 -7.57
C ARG A 210 -14.08 7.38 -8.19
N GLU A 211 -14.43 8.15 -9.22
CA GLU A 211 -15.76 8.17 -9.82
C GLU A 211 -16.26 6.85 -10.38
N SER A 212 -15.37 6.10 -11.03
CA SER A 212 -15.78 4.91 -11.76
C SER A 212 -16.38 3.84 -10.84
N SER A 213 -15.96 3.85 -9.57
CA SER A 213 -16.34 2.80 -8.62
C SER A 213 -17.30 3.27 -7.53
N ASN A 214 -17.40 4.58 -7.29
CA ASN A 214 -18.30 5.11 -6.27
C ASN A 214 -19.47 5.85 -6.89
N LYS A 215 -20.61 5.17 -6.95
CA LYS A 215 -21.83 5.75 -7.49
C LYS A 215 -22.89 5.98 -6.40
N ARG A 216 -22.44 6.01 -5.15
CA ARG A 216 -23.34 6.24 -4.01
C ARG A 216 -24.02 7.59 -4.14
N GLN A 217 -25.33 7.61 -3.94
CA GLN A 217 -26.12 8.82 -4.19
C GLN A 217 -26.43 9.62 -2.93
N SER A 218 -26.10 9.06 -1.77
CA SER A 218 -26.40 9.71 -0.50
C SER A 218 -25.38 9.36 0.57
N GLY A 219 -25.46 10.08 1.69
CA GLY A 219 -24.64 9.79 2.86
C GLY A 219 -23.29 10.46 2.82
N PRO A 220 -22.52 10.30 3.90
CA PRO A 220 -21.24 11.01 4.04
C PRO A 220 -20.15 10.54 3.08
N TYR A 221 -20.37 9.41 2.41
CA TYR A 221 -19.38 8.86 1.48
C TYR A 221 -19.91 8.82 0.05
N ALA A 222 -20.86 9.72 -0.25
CA ALA A 222 -21.48 9.78 -1.57
C ALA A 222 -20.45 9.96 -2.69
N GLY A 223 -20.74 9.38 -3.86
CA GLY A 223 -19.87 9.53 -5.02
C GLY A 223 -20.08 10.82 -5.79
N THR A 224 -21.05 11.62 -5.35
CA THR A 224 -21.55 12.75 -6.12
C THR A 224 -20.75 14.05 -5.98
N THR A 225 -19.85 14.12 -5.00
CA THR A 225 -18.95 15.27 -4.86
C THR A 225 -17.54 14.79 -4.54
N ILE A 226 -16.56 15.64 -4.86
CA ILE A 226 -15.17 15.39 -4.53
C ILE A 226 -14.97 15.25 -3.01
N ASP A 227 -15.57 16.15 -2.22
CA ASP A 227 -15.34 16.10 -0.77
C ASP A 227 -15.86 14.80 -0.15
N THR A 228 -17.05 14.36 -0.54
CA THR A 228 -17.59 13.13 0.03
C THR A 228 -16.82 11.88 -0.44
N ARG A 229 -16.28 11.91 -1.65
CA ARG A 229 -15.43 10.82 -2.13
C ARG A 229 -14.10 10.76 -1.36
N CYS A 230 -13.64 11.90 -0.87
CA CYS A 230 -12.43 11.97 -0.05
C CYS A 230 -12.67 11.54 1.39
N GLN A 231 -13.93 11.49 1.81
CA GLN A 231 -14.27 11.35 3.22
C GLN A 231 -13.82 10.04 3.86
N LEU A 232 -13.95 8.91 3.16
CA LEU A 232 -13.55 7.64 3.77
C LEU A 232 -12.05 7.58 4.02
N ILE A 233 -11.25 7.96 3.02
CA ILE A 233 -9.81 8.05 3.23
C ILE A 233 -9.51 8.95 4.43
N TYR A 234 -10.16 10.11 4.51
CA TYR A 234 -9.94 11.01 5.64
C TYR A 234 -10.31 10.36 6.96
N ASP A 235 -11.49 9.74 7.03
CA ASP A 235 -12.00 9.17 8.27
C ASP A 235 -11.14 8.01 8.78
N VAL A 236 -10.73 7.12 7.87
CA VAL A 236 -9.84 6.02 8.23
C VAL A 236 -8.52 6.57 8.75
N THR A 237 -7.94 7.50 7.99
CA THR A 237 -6.63 8.04 8.32
C THR A 237 -6.66 8.79 9.65
N LYS A 238 -7.68 9.62 9.86
CA LYS A 238 -7.84 10.38 11.09
CA LYS A 238 -7.83 10.37 11.11
C LYS A 238 -8.00 9.44 12.30
N SER A 239 -8.84 8.42 12.16
CA SER A 239 -9.08 7.48 13.25
C SER A 239 -7.80 6.72 13.61
N VAL A 240 -7.03 6.35 12.60
CA VAL A 240 -5.76 5.67 12.85
C VAL A 240 -4.76 6.62 13.53
N CYS A 241 -4.67 7.86 13.03
CA CYS A 241 -3.82 8.88 13.66
C CYS A 241 -4.14 9.09 15.13
N ASP A 242 -5.43 9.13 15.45
CA ASP A 242 -5.86 9.34 16.83
C ASP A 242 -5.40 8.18 17.72
N ALA A 243 -5.35 6.98 17.14
CA ALA A 243 -4.98 5.79 17.89
C ALA A 243 -3.47 5.64 18.13
N VAL A 244 -2.67 5.91 17.10
CA VAL A 244 -1.24 5.58 17.16
C VAL A 244 -0.29 6.78 17.06
N GLY A 245 -0.85 7.96 16.76
CA GLY A 245 -0.05 9.17 16.55
C GLY A 245 0.16 9.41 15.06
N SER A 246 -0.14 10.62 14.59
CA SER A 246 -0.03 10.90 13.17
C SER A 246 1.40 10.77 12.65
N ASP A 247 2.38 10.94 13.54
CA ASP A 247 3.78 10.80 13.18
C ASP A 247 4.21 9.35 12.93
N ARG A 248 3.26 8.42 13.03
CA ARG A 248 3.47 7.02 12.69
C ARG A 248 2.48 6.55 11.62
N VAL A 249 1.91 7.48 10.87
CA VAL A 249 0.89 7.16 9.86
C VAL A 249 1.21 7.81 8.52
N GLY A 250 1.25 6.98 7.48
CA GLY A 250 1.31 7.47 6.11
C GLY A 250 0.07 7.07 5.34
N LEU A 251 -0.12 7.68 4.17
CA LEU A 251 -1.27 7.38 3.31
C LEU A 251 -0.76 7.19 1.89
N ARG A 252 -1.23 6.15 1.20
CA ARG A 252 -0.90 5.97 -0.21
C ARG A 252 -2.12 6.18 -1.11
N ILE A 253 -1.92 6.92 -2.20
CA ILE A 253 -2.96 7.15 -3.21
C ILE A 253 -2.39 6.95 -4.61
N SER A 254 -3.29 6.81 -5.59
CA SER A 254 -2.89 6.59 -6.99
C SER A 254 -3.92 7.25 -7.90
N PRO A 255 -3.90 8.59 -8.00
CA PRO A 255 -5.01 9.27 -8.68
C PRO A 255 -5.15 9.03 -10.19
N LEU A 256 -4.13 8.45 -10.83
CA LEU A 256 -4.16 8.18 -12.28
C LEU A 256 -4.04 6.70 -12.66
N ASN A 257 -3.97 5.82 -11.67
CA ASN A 257 -3.69 4.41 -11.95
C ASN A 257 -4.97 3.68 -12.35
N GLY A 258 -4.97 3.13 -13.57
CA GLY A 258 -6.15 2.51 -14.14
C GLY A 258 -6.37 1.03 -13.86
N VAL A 259 -5.57 0.45 -12.97
CA VAL A 259 -5.76 -0.98 -12.63
C VAL A 259 -7.14 -1.16 -11.98
N HIS A 260 -7.72 -2.35 -12.13
CA HIS A 260 -9.03 -2.67 -11.54
C HIS A 260 -10.12 -1.70 -11.93
N GLY A 261 -10.12 -1.30 -13.20
N GLY A 261 -10.08 -1.25 -13.19
CA GLY A 261 -11.15 -0.42 -13.75
CA GLY A 261 -11.12 -0.41 -13.80
C GLY A 261 -11.32 0.87 -12.98
C GLY A 261 -11.15 1.08 -13.48
N MET A 262 -10.21 1.51 -12.65
CA MET A 262 -10.26 2.80 -11.97
C MET A 262 -9.97 4.01 -12.83
N ILE A 263 -10.91 4.94 -12.85
CA ILE A 263 -10.76 6.17 -13.63
C ILE A 263 -11.64 7.27 -13.06
N ASP A 264 -11.08 8.48 -13.02
CA ASP A 264 -11.79 9.66 -12.56
C ASP A 264 -11.74 10.72 -13.65
N SER A 265 -12.81 11.49 -13.79
CA SER A 265 -12.85 12.53 -14.81
C SER A 265 -12.03 13.79 -14.47
N ASN A 266 -11.76 13.99 -13.18
CA ASN A 266 -11.04 15.17 -12.72
C ASN A 266 -10.03 14.87 -11.62
N PRO A 267 -8.98 14.08 -11.94
CA PRO A 267 -8.00 13.67 -10.93
C PRO A 267 -7.21 14.83 -10.34
N GLU A 268 -7.02 15.92 -11.09
CA GLU A 268 -6.30 17.07 -10.56
C GLU A 268 -7.04 17.69 -9.38
N ALA A 269 -8.33 17.98 -9.59
CA ALA A 269 -9.13 18.59 -8.52
C ALA A 269 -9.29 17.64 -7.35
N LEU A 270 -9.46 16.35 -7.65
CA LEU A 270 -9.59 15.33 -6.61
C LEU A 270 -8.33 15.26 -5.73
N THR A 271 -7.17 15.22 -6.38
CA THR A 271 -5.88 15.12 -5.68
C THR A 271 -5.62 16.35 -4.81
N LYS A 272 -5.83 17.53 -5.40
CA LYS A 272 -5.58 18.78 -4.68
C LYS A 272 -6.52 18.92 -3.47
N HIS A 273 -7.77 18.53 -3.64
CA HIS A 273 -8.71 18.57 -2.53
C HIS A 273 -8.32 17.65 -1.41
N LEU A 274 -7.94 16.42 -1.74
CA LEU A 274 -7.51 15.47 -0.70
C LEU A 274 -6.29 15.99 0.05
N CYS A 275 -5.32 16.54 -0.68
CA CYS A 275 -4.12 17.11 -0.06
C CYS A 275 -4.46 18.17 0.98
N LYS A 276 -5.36 19.08 0.63
CA LYS A 276 -5.79 20.11 1.56
C LYS A 276 -6.58 19.54 2.73
N LYS A 277 -7.37 18.50 2.47
CA LYS A 277 -8.18 17.86 3.50
C LYS A 277 -7.33 17.11 4.54
N ILE A 278 -6.22 16.53 4.11
CA ILE A 278 -5.37 15.73 5.01
C ILE A 278 -4.24 16.53 5.66
N GLU A 279 -3.98 17.73 5.15
CA GLU A 279 -2.95 18.62 5.71
C GLU A 279 -3.05 18.74 7.25
N PRO A 280 -4.26 19.01 7.80
CA PRO A 280 -4.37 19.18 9.26
C PRO A 280 -4.09 17.92 10.08
N LEU A 281 -3.99 16.76 9.44
CA LEU A 281 -3.69 15.52 10.17
C LEU A 281 -2.22 15.38 10.57
N SER A 282 -1.34 16.17 9.95
CA SER A 282 0.11 16.11 10.24
C SER A 282 0.66 14.68 10.10
N LEU A 283 0.38 14.05 8.97
CA LEU A 283 0.85 12.70 8.70
C LEU A 283 2.37 12.62 8.63
N ALA A 284 2.90 11.42 8.89
CA ALA A 284 4.30 11.16 8.64
C ALA A 284 4.64 11.43 7.16
N TYR A 285 3.77 10.99 6.26
CA TYR A 285 3.98 11.23 4.82
C TYR A 285 2.74 10.98 4.00
N LEU A 286 2.77 11.52 2.78
CA LEU A 286 1.84 11.17 1.71
C LEU A 286 2.65 10.51 0.60
N HIS A 287 2.20 9.32 0.20
CA HIS A 287 2.86 8.49 -0.80
C HIS A 287 1.91 8.37 -1.96
N TYR A 288 2.38 8.63 -3.17
CA TYR A 288 1.51 8.55 -4.33
C TYR A 288 2.21 7.92 -5.52
N LEU A 289 1.42 7.20 -6.31
CA LEU A 289 1.83 6.84 -7.66
C LEU A 289 1.63 8.07 -8.56
N ARG A 290 2.66 8.45 -9.30
CA ARG A 290 2.62 9.68 -10.08
C ARG A 290 1.96 9.50 -11.45
N GLY A 291 1.61 8.27 -11.79
CA GLY A 291 1.02 8.02 -13.10
C GLY A 291 0.22 6.74 -13.17
N ASP A 292 0.11 6.24 -14.39
CA ASP A 292 -0.78 5.14 -14.71
C ASP A 292 0.04 3.94 -15.16
N MET A 293 -0.16 2.79 -14.50
CA MET A 293 0.51 1.57 -14.92
CA MET A 293 0.47 1.53 -14.92
C MET A 293 -0.01 1.10 -16.29
N VAL A 294 -1.19 1.58 -16.68
CA VAL A 294 -1.81 1.23 -17.96
C VAL A 294 -1.34 2.18 -19.08
N ASN A 295 -0.65 3.25 -18.69
CA ASN A 295 -0.09 4.23 -19.64
C ASN A 295 -1.15 5.03 -20.40
N GLN A 296 -2.32 5.18 -19.80
CA GLN A 296 -3.42 5.93 -20.42
C GLN A 296 -3.61 7.31 -19.82
N GLN A 297 -3.77 7.35 -18.49
CA GLN A 297 -4.17 8.56 -17.80
C GLN A 297 -2.97 9.43 -17.50
N ILE A 298 -3.05 10.68 -17.89
CA ILE A 298 -1.91 11.59 -17.78
C ILE A 298 -2.21 12.76 -16.86
N GLY A 299 -1.15 13.37 -16.33
CA GLY A 299 -1.27 14.50 -15.43
C GLY A 299 -0.05 14.58 -14.54
N ASP A 300 0.31 15.81 -14.18
CA ASP A 300 1.51 16.06 -13.40
C ASP A 300 1.23 15.92 -11.90
N VAL A 301 1.05 14.68 -11.44
CA VAL A 301 0.71 14.43 -10.04
C VAL A 301 1.77 14.99 -9.08
N VAL A 302 3.05 14.88 -9.45
CA VAL A 302 4.13 15.43 -8.62
C VAL A 302 3.88 16.92 -8.34
N ALA A 303 3.53 17.67 -9.39
CA ALA A 303 3.26 19.11 -9.25
C ALA A 303 1.98 19.38 -8.46
N TRP A 304 0.95 18.56 -8.68
CA TRP A 304 -0.31 18.75 -7.95
C TRP A 304 -0.10 18.63 -6.47
N VAL A 305 0.61 17.58 -6.07
CA VAL A 305 0.86 17.31 -4.66
C VAL A 305 1.79 18.37 -4.05
N ARG A 306 2.87 18.71 -4.76
CA ARG A 306 3.83 19.70 -4.28
CA ARG A 306 3.82 19.69 -4.26
C ARG A 306 3.14 21.04 -4.00
N GLY A 307 2.22 21.44 -4.89
CA GLY A 307 1.56 22.73 -4.76
C GLY A 307 0.44 22.78 -3.73
N SER A 308 -0.02 21.62 -3.27
CA SER A 308 -1.18 21.55 -2.39
CA SER A 308 -1.18 21.53 -2.39
C SER A 308 -0.93 20.86 -1.03
N TYR A 309 0.27 20.31 -0.86
CA TYR A 309 0.58 19.56 0.37
C TYR A 309 1.93 19.95 0.94
N SER A 310 1.94 20.41 2.20
CA SER A 310 3.16 20.93 2.82
C SER A 310 4.01 19.89 3.56
N GLY A 311 3.47 18.68 3.71
CA GLY A 311 4.15 17.61 4.44
C GLY A 311 5.14 16.83 3.60
N VAL A 312 5.59 15.69 4.13
CA VAL A 312 6.57 14.84 3.45
C VAL A 312 5.91 14.13 2.28
N LYS A 313 6.53 14.22 1.11
CA LYS A 313 5.97 13.70 -0.14
C LYS A 313 6.86 12.59 -0.69
N ILE A 314 6.29 11.39 -0.82
CA ILE A 314 7.00 10.24 -1.38
C ILE A 314 6.33 9.89 -2.71
N SER A 315 7.11 9.95 -3.79
CA SER A 315 6.59 9.63 -5.10
C SER A 315 7.04 8.23 -5.54
N ASN A 316 6.30 7.66 -6.47
CA ASN A 316 6.57 6.32 -6.99
C ASN A 316 6.07 6.22 -8.42
N LEU A 317 6.73 5.35 -9.17
CA LEU A 317 6.33 4.77 -10.48
C LEU A 317 7.36 5.12 -11.55
N ARG A 318 8.09 4.09 -11.96
CA ARG A 318 9.05 4.19 -13.08
CA ARG A 318 9.06 4.18 -13.06
C ARG A 318 10.19 5.20 -12.85
N TYR A 319 10.63 5.35 -11.60
CA TYR A 319 11.81 6.17 -11.31
C TYR A 319 13.06 5.34 -11.44
N ASP A 320 14.11 5.96 -11.99
CA ASP A 320 15.47 5.46 -11.78
C ASP A 320 16.16 6.36 -10.75
N PHE A 321 17.38 6.00 -10.36
CA PHE A 321 18.11 6.77 -9.35
C PHE A 321 18.30 8.22 -9.77
N GLU A 322 18.66 8.44 -11.04
CA GLU A 322 18.91 9.78 -11.54
C GLU A 322 17.69 10.68 -11.42
N GLU A 323 16.54 10.18 -11.84
CA GLU A 323 15.31 10.98 -11.79
C GLU A 323 14.88 11.26 -10.36
N ALA A 324 15.01 10.26 -9.50
CA ALA A 324 14.70 10.43 -8.08
C ALA A 324 15.60 11.49 -7.45
N ASP A 325 16.91 11.37 -7.68
CA ASP A 325 17.89 12.33 -7.19
C ASP A 325 17.55 13.75 -7.66
N GLN A 326 17.20 13.87 -8.94
CA GLN A 326 16.87 15.18 -9.51
C GLN A 326 15.60 15.79 -8.93
N GLN A 327 14.55 14.99 -8.74
CA GLN A 327 13.32 15.53 -8.16
C GLN A 327 13.48 15.94 -6.69
N ILE A 328 14.35 15.26 -5.96
CA ILE A 328 14.69 15.67 -4.60
C ILE A 328 15.51 16.97 -4.64
N ARG A 329 16.49 17.02 -5.54
CA ARG A 329 17.31 18.22 -5.76
CA ARG A 329 17.31 18.22 -5.74
C ARG A 329 16.45 19.45 -6.04
N GLU A 330 15.41 19.27 -6.85
CA GLU A 330 14.53 20.35 -7.28
C GLU A 330 13.42 20.68 -6.26
N GLY A 331 13.36 19.95 -5.15
CA GLY A 331 12.36 20.21 -4.13
C GLY A 331 10.96 19.79 -4.53
N LYS A 332 10.86 18.86 -5.48
CA LYS A 332 9.56 18.40 -5.95
C LYS A 332 8.99 17.30 -5.07
N VAL A 333 9.88 16.44 -4.56
CA VAL A 333 9.54 15.33 -3.67
C VAL A 333 10.57 15.26 -2.56
N ASP A 334 10.22 14.60 -1.44
CA ASP A 334 11.16 14.38 -0.36
C ASP A 334 11.89 13.04 -0.49
N ALA A 335 11.21 12.03 -1.04
CA ALA A 335 11.80 10.70 -1.20
C ALA A 335 11.07 9.98 -2.32
N VAL A 336 11.65 8.87 -2.76
CA VAL A 336 11.08 8.07 -3.82
C VAL A 336 11.05 6.60 -3.42
N ALA A 337 9.89 5.98 -3.66
CA ALA A 337 9.73 4.55 -3.44
C ALA A 337 9.94 3.79 -4.74
N PHE A 338 10.66 2.68 -4.63
CA PHE A 338 10.95 1.80 -5.75
C PHE A 338 10.29 0.45 -5.51
N GLY A 339 9.61 -0.07 -6.53
CA GLY A 339 8.96 -1.38 -6.46
C GLY A 339 9.80 -2.49 -7.10
N ALA A 340 9.72 -2.60 -8.41
CA ALA A 340 10.39 -3.69 -9.12
C ALA A 340 11.89 -3.75 -8.84
N LYS A 341 12.54 -2.60 -8.70
CA LYS A 341 13.97 -2.59 -8.41
C LYS A 341 14.31 -3.19 -7.05
N PHE A 342 13.43 -3.04 -6.07
CA PHE A 342 13.63 -3.69 -4.77
C PHE A 342 13.34 -5.19 -4.79
N ILE A 343 12.40 -5.63 -5.61
CA ILE A 343 12.21 -7.06 -5.80
C ILE A 343 13.54 -7.69 -6.21
N ALA A 344 14.21 -7.06 -7.17
CA ALA A 344 15.37 -7.66 -7.82
C ALA A 344 16.71 -7.34 -7.16
N ASN A 345 16.76 -6.31 -6.33
CA ASN A 345 18.03 -5.83 -5.77
C ASN A 345 17.94 -5.68 -4.27
N PRO A 346 18.33 -6.72 -3.52
CA PRO A 346 18.27 -6.58 -2.06
C PRO A 346 19.13 -5.41 -1.57
N ASP A 347 20.28 -5.25 -2.24
CA ASP A 347 21.24 -4.20 -1.92
C ASP A 347 21.10 -2.97 -2.84
N LEU A 348 19.85 -2.63 -3.18
CA LEU A 348 19.57 -1.46 -4.02
C LEU A 348 20.27 -0.19 -3.53
N VAL A 349 20.23 0.07 -2.22
CA VAL A 349 20.86 1.26 -1.66
C VAL A 349 22.37 1.29 -1.92
N GLU A 350 23.02 0.16 -1.67
CA GLU A 350 24.45 0.03 -1.91
CA GLU A 350 24.46 0.06 -1.91
C GLU A 350 24.78 0.24 -3.40
N ARG A 351 23.92 -0.27 -4.28
CA ARG A 351 24.11 -0.06 -5.71
C ARG A 351 24.01 1.43 -6.10
N ALA A 352 23.11 2.16 -5.45
CA ALA A 352 23.06 3.62 -5.61
C ALA A 352 24.33 4.30 -5.09
N GLN A 353 24.84 3.87 -3.93
CA GLN A 353 26.04 4.45 -3.34
C GLN A 353 27.26 4.30 -4.25
N HIS A 354 27.36 3.17 -4.94
CA HIS A 354 28.52 2.85 -5.77
C HIS A 354 28.28 3.05 -7.25
N ASP A 355 27.04 3.40 -7.61
CA ASP A 355 26.57 3.40 -9.00
C ASP A 355 26.87 2.07 -9.70
N TRP A 356 26.54 0.98 -9.01
CA TRP A 356 26.64 -0.38 -9.55
C TRP A 356 25.47 -0.70 -10.44
N PRO A 357 25.66 -1.60 -11.41
CA PRO A 357 24.52 -1.99 -12.25
C PRO A 357 23.46 -2.74 -11.44
N LEU A 358 22.23 -2.73 -11.95
CA LEU A 358 21.10 -3.32 -11.25
C LEU A 358 20.71 -4.67 -11.82
N ASN A 359 20.29 -5.59 -10.94
CA ASN A 359 19.69 -6.85 -11.35
C ASN A 359 18.39 -6.58 -12.09
N GLU A 360 18.07 -7.46 -13.04
CA GLU A 360 16.82 -7.37 -13.77
C GLU A 360 15.75 -8.23 -13.09
N PRO A 361 14.54 -7.66 -12.89
CA PRO A 361 13.48 -8.50 -12.32
C PRO A 361 12.96 -9.52 -13.34
N ARG A 362 12.44 -10.63 -12.82
CA ARG A 362 11.78 -11.66 -13.63
C ARG A 362 10.30 -11.68 -13.22
N PRO A 363 9.45 -10.92 -13.94
CA PRO A 363 8.04 -10.80 -13.53
C PRO A 363 7.30 -12.14 -13.45
N GLU A 364 7.72 -13.11 -14.27
CA GLU A 364 7.09 -14.43 -14.26
C GLU A 364 7.29 -15.19 -12.94
N THR A 365 8.22 -14.72 -12.10
CA THR A 365 8.46 -15.35 -10.80
C THR A 365 8.16 -14.44 -9.61
N TYR A 366 7.32 -13.41 -9.80
CA TYR A 366 6.97 -12.52 -8.69
C TYR A 366 6.17 -13.21 -7.57
N TYR A 367 5.39 -14.23 -7.93
CA TYR A 367 4.41 -14.81 -7.01
C TYR A 367 4.53 -16.33 -6.91
N THR A 368 5.75 -16.85 -6.77
CA THR A 368 5.97 -18.29 -6.73
C THR A 368 5.56 -18.96 -5.42
N ARG A 369 5.53 -18.19 -4.33
CA ARG A 369 5.32 -18.71 -2.97
C ARG A 369 6.45 -19.62 -2.48
N THR A 370 7.58 -19.60 -3.19
CA THR A 370 8.77 -20.33 -2.78
C THR A 370 9.94 -19.34 -2.73
N ALA A 371 11.15 -19.84 -2.53
CA ALA A 371 12.33 -18.98 -2.57
C ALA A 371 12.60 -18.44 -3.98
N VAL A 372 12.16 -19.17 -5.00
CA VAL A 372 12.41 -18.80 -6.40
C VAL A 372 11.75 -17.47 -6.73
N GLY A 373 12.54 -16.53 -7.24
CA GLY A 373 12.06 -15.21 -7.58
C GLY A 373 11.74 -14.34 -6.39
N TYR A 374 12.13 -14.77 -5.19
CA TYR A 374 11.81 -14.08 -3.95
C TYR A 374 13.06 -13.83 -3.11
N ASN A 375 13.71 -14.90 -2.68
CA ASN A 375 14.92 -14.79 -1.87
C ASN A 375 16.19 -15.19 -2.62
N ASP A 376 16.12 -15.26 -3.95
CA ASP A 376 17.24 -15.75 -4.75
C ASP A 376 17.88 -14.68 -5.65
N TYR A 377 17.48 -13.42 -5.50
CA TYR A 377 18.19 -12.33 -6.19
C TYR A 377 19.43 -11.97 -5.38
N PRO A 378 20.61 -12.05 -5.99
CA PRO A 378 21.85 -11.86 -5.23
C PRO A 378 22.23 -10.40 -5.02
N THR A 379 23.08 -10.19 -4.02
CA THR A 379 23.78 -8.92 -3.87
C THR A 379 24.86 -8.82 -4.96
N TYR A 380 25.34 -7.60 -5.20
CA TYR A 380 26.38 -7.40 -6.22
C TYR A 380 27.73 -7.90 -5.73
N ASN A 381 28.48 -8.56 -6.62
CA ASN A 381 29.83 -9.03 -6.27
C ASN A 381 30.88 -7.92 -6.35
N1 FMN B . 1.34 -1.49 -4.27
C2 FMN B . 0.69 -1.40 -3.09
O2 FMN B . 0.25 -0.29 -2.72
N3 FMN B . 0.54 -2.48 -2.30
C4 FMN B . 0.95 -3.71 -2.64
O4 FMN B . 0.78 -4.68 -1.87
C4A FMN B . 1.67 -3.89 -3.90
N5 FMN B . 2.13 -5.09 -4.32
C5A FMN B . 2.83 -5.20 -5.47
C6 FMN B . 3.34 -6.42 -5.90
C7 FMN B . 4.04 -6.53 -7.09
C7M FMN B . 4.58 -7.87 -7.51
C8 FMN B . 4.25 -5.32 -7.93
C8M FMN B . 4.99 -5.40 -9.24
C9 FMN B . 3.74 -4.10 -7.51
C9A FMN B . 3.04 -3.99 -6.32
N10 FMN B . 2.52 -2.76 -5.90
C10 FMN B . 1.84 -2.67 -4.69
C1' FMN B . 2.76 -1.54 -6.67
C2' FMN B . 4.17 -1.08 -6.24
O2' FMN B . 4.21 -0.64 -4.87
C3' FMN B . 4.70 0.06 -7.09
O3' FMN B . 3.77 1.14 -7.00
C4' FMN B . 4.89 -0.36 -8.56
O4' FMN B . 5.73 -1.52 -8.63
C5' FMN B . 5.47 0.77 -9.40
O5' FMN B . 6.76 1.18 -8.93
P FMN B . 8.08 0.77 -9.77
O1P FMN B . 7.92 1.43 -11.13
O2P FMN B . 8.07 -0.74 -9.81
O3P FMN B . 9.17 1.36 -8.91
C1 GOL C . -25.27 5.11 -0.21
O1 GOL C . -26.11 6.04 -0.90
C2 GOL C . -25.91 4.56 1.06
O2 GOL C . -27.35 4.67 1.00
C3 GOL C . -25.49 3.09 1.21
O3 GOL C . -26.43 2.32 1.95
C1 GOL D . 24.09 4.85 5.21
O1 GOL D . 23.54 5.49 6.37
C2 GOL D . 22.99 4.17 4.39
O2 GOL D . 21.99 5.14 4.03
C3 GOL D . 22.35 3.06 5.21
O3 GOL D . 21.58 2.21 4.35
C1 PEG E . 13.43 -13.46 -18.36
O1 PEG E . 13.24 -14.09 -17.10
C2 PEG E . 12.10 -12.96 -18.92
O2 PEG E . 12.35 -11.89 -19.82
C3 PEG E . 11.37 -10.86 -19.75
C4 PEG E . 11.85 -9.75 -18.80
O4 PEG E . 11.73 -8.48 -19.45
C1 PEG F . 21.27 -12.59 0.30
O1 PEG F . 22.09 -11.42 0.39
C2 PEG F . 20.51 -12.56 -1.03
O2 PEG F . 20.15 -13.89 -1.41
C3 PEG F . 20.94 -14.35 -2.51
C4 PEG F . 20.53 -15.78 -2.87
O4 PEG F . 21.60 -16.40 -3.60
C1 PEG G . 20.82 13.57 10.29
O1 PEG G . 21.77 14.63 10.50
C2 PEG G . 21.54 12.22 10.42
O2 PEG G . 20.59 11.18 10.24
C3 PEG G . 21.12 9.91 10.63
C4 PEG G . 21.00 8.93 9.48
O4 PEG G . 22.28 8.81 8.84
C1 GOL H . -0.41 -4.83 -6.69
O1 GOL H . -0.47 -5.50 -7.95
C2 GOL H . -1.69 -4.07 -6.40
O2 GOL H . -2.40 -3.82 -7.62
C3 GOL H . -1.32 -2.72 -5.84
O3 GOL H . -1.80 -2.55 -4.51
#